data_4WZ4
#
_entry.id   4WZ4
#
_cell.length_a   44.730
_cell.length_b   71.270
_cell.length_c   107.310
_cell.angle_alpha   90.00
_cell.angle_beta   90.00
_cell.angle_gamma   90.00
#
_symmetry.space_group_name_H-M   'P 21 21 21'
#
loop_
_entity.id
_entity.type
_entity.pdbx_description
1 polymer Beta-lactamase
2 non-polymer GLYCEROL
3 non-polymer '{(3R)-6-[(3-amino-1,2,4-thiadiazol-5-yl)oxy]-1-hydroxy-4,5-dimethyl-1,3-dihydro-2,1-benzoxaborol-3-yl}acetic acid'
4 water water
#
_entity_poly.entity_id   1
_entity_poly.type   'polypeptide(L)'
_entity_poly.pdbx_seq_one_letter_code
;APADRLKALVDAAVQPVMKANDIPGLAVAISLKGEPHYFSYGLASKEDGRRVTPETLFEIGSVSKTFTATLAGYALTQDK
MRLDDRASQHWPALQGSRFDGISLLDLATYTAGGLPLQFPDSVQKDQAQIRDYYRQWQPTYAPGSQRLYSNPSIGLFGYL
AARSLGQPFERLMEQQVFPALGLEQTHLDVPEAALAQYAQGYGKDDRPLRVGPGPLDAEGYGVKTSAADLLRFVDANLHP
ERLDRPWAQALDATHRGYYKVGDMTQGLGWEAYDWPISLKRLQAGNSTPMALQPHRIARLPAPQALEGQRLLNKTGSTNG
FGAYVAFVPGRDLGLVILANRNYPNAERVKIAYAILSGLE
;
_entity_poly.pdbx_strand_id   A
#
# COMPACT_ATOMS: atom_id res chain seq x y z
N ALA A 1 27.35 -9.28 -20.82
CA ALA A 1 25.98 -9.71 -21.11
C ALA A 1 24.94 -8.85 -20.35
N PRO A 2 23.63 -8.89 -20.76
CA PRO A 2 22.62 -8.10 -20.04
C PRO A 2 22.57 -8.39 -18.53
N ALA A 3 22.78 -9.65 -18.08
CA ALA A 3 22.74 -9.98 -16.64
C ALA A 3 23.81 -9.24 -15.88
N ASP A 4 25.01 -9.13 -16.43
CA ASP A 4 26.11 -8.41 -15.79
C ASP A 4 25.77 -6.93 -15.65
N ARG A 5 25.23 -6.30 -16.70
CA ARG A 5 24.87 -4.89 -16.67
C ARG A 5 23.74 -4.62 -15.68
N LEU A 6 22.72 -5.48 -15.64
CA LEU A 6 21.59 -5.29 -14.71
C LEU A 6 22.06 -5.43 -13.26
N LYS A 7 22.90 -6.43 -12.98
CA LYS A 7 23.44 -6.60 -11.63
C LYS A 7 24.24 -5.37 -11.23
N ALA A 8 25.05 -4.86 -12.15
CA ALA A 8 25.87 -3.67 -11.83
C ALA A 8 24.98 -2.48 -11.48
N LEU A 9 23.91 -2.28 -12.23
CA LEU A 9 22.94 -1.17 -12.04
C LEU A 9 22.25 -1.30 -10.66
N VAL A 10 21.74 -2.48 -10.36
CA VAL A 10 21.00 -2.65 -9.11
C VAL A 10 21.94 -2.60 -7.92
N ASP A 11 23.11 -3.26 -8.00
CA ASP A 11 24.05 -3.18 -6.90
C ASP A 11 24.48 -1.72 -6.65
N ALA A 12 24.75 -0.96 -7.71
CA ALA A 12 25.19 0.43 -7.55
C ALA A 12 24.13 1.28 -6.86
N ALA A 13 22.84 0.97 -7.12
CA ALA A 13 21.75 1.71 -6.49
C ALA A 13 21.56 1.29 -5.02
N VAL A 14 21.63 -0.02 -4.75
CA VAL A 14 21.32 -0.57 -3.46
C VAL A 14 22.42 -0.51 -2.43
N GLN A 15 23.62 -0.95 -2.81
CA GLN A 15 24.67 -1.15 -1.84
C GLN A 15 25.03 0.09 -1.04
N PRO A 16 25.21 1.27 -1.64
CA PRO A 16 25.53 2.46 -0.81
C PRO A 16 24.38 2.86 0.11
N VAL A 17 23.12 2.69 -0.33
CA VAL A 17 21.98 3.03 0.52
C VAL A 17 21.89 2.07 1.70
N MET A 18 22.18 0.77 1.49
CA MET A 18 22.16 -0.16 2.63
C MET A 18 23.23 0.18 3.65
N LYS A 19 24.42 0.56 3.19
CA LYS A 19 25.48 0.91 4.11
C LYS A 19 25.14 2.19 4.83
N ALA A 20 24.68 3.22 4.10
CA ALA A 20 24.39 4.53 4.68
C ALA A 20 23.25 4.49 5.68
N ASN A 21 22.30 3.60 5.50
CA ASN A 21 21.13 3.51 6.38
C ASN A 21 21.21 2.31 7.33
N ASP A 22 22.34 1.62 7.33
CA ASP A 22 22.58 0.43 8.18
C ASP A 22 21.45 -0.60 8.04
N ILE A 23 21.07 -0.91 6.79
CA ILE A 23 19.97 -1.84 6.57
C ILE A 23 20.50 -3.25 6.63
N PRO A 24 20.00 -4.12 7.54
CA PRO A 24 20.58 -5.46 7.59
C PRO A 24 20.30 -6.33 6.37
N GLY A 25 19.08 -6.26 5.85
CA GLY A 25 18.63 -7.09 4.75
C GLY A 25 17.68 -6.34 3.84
N LEU A 26 17.80 -6.62 2.52
CA LEU A 26 16.97 -5.92 1.53
C LEU A 26 16.80 -6.83 0.35
N ALA A 27 15.56 -6.92 -0.14
CA ALA A 27 15.20 -7.70 -1.33
C ALA A 27 14.65 -6.77 -2.42
N VAL A 28 15.22 -6.92 -3.60
CA VAL A 28 14.72 -6.23 -4.79
C VAL A 28 14.09 -7.27 -5.71
N ALA A 29 12.96 -6.91 -6.30
CA ALA A 29 12.39 -7.70 -7.40
C ALA A 29 11.98 -6.71 -8.49
N ILE A 30 12.33 -7.04 -9.73
CA ILE A 30 12.09 -6.20 -10.89
C ILE A 30 11.36 -7.01 -11.94
N SER A 31 10.36 -6.37 -12.55
CA SER A 31 9.66 -6.94 -13.70
C SER A 31 10.02 -6.07 -14.89
N LEU A 32 10.69 -6.67 -15.89
CA LEU A 32 11.23 -5.96 -17.03
C LEU A 32 10.82 -6.69 -18.32
N LYS A 33 10.02 -6.09 -19.19
CA LYS A 33 9.61 -6.73 -20.47
C LYS A 33 8.98 -8.12 -20.24
N GLY A 34 8.22 -8.27 -19.15
CA GLY A 34 7.55 -9.54 -18.84
C GLY A 34 8.43 -10.57 -18.18
N GLU A 35 9.64 -10.19 -17.71
CA GLU A 35 10.55 -11.14 -17.09
C GLU A 35 10.93 -10.67 -15.69
N PRO A 36 10.96 -11.59 -14.72
CA PRO A 36 11.33 -11.20 -13.35
C PRO A 36 12.82 -11.32 -13.11
N HIS A 37 13.37 -10.41 -12.29
CA HIS A 37 14.78 -10.44 -11.89
C HIS A 37 14.82 -10.12 -10.41
N TYR A 38 15.58 -10.93 -9.66
CA TYR A 38 15.67 -10.78 -8.20
C TYR A 38 17.09 -10.48 -7.80
N PHE A 39 17.23 -9.61 -6.78
CA PHE A 39 18.53 -9.28 -6.20
C PHE A 39 18.33 -9.23 -4.69
N SER A 40 19.01 -10.11 -3.96
CA SER A 40 18.83 -10.24 -2.51
C SER A 40 20.11 -9.89 -1.79
N TYR A 41 20.01 -9.10 -0.72
CA TYR A 41 21.18 -8.59 0.00
C TYR A 41 21.05 -8.80 1.47
N GLY A 42 22.17 -9.15 2.10
CA GLY A 42 22.21 -9.19 3.55
C GLY A 42 21.34 -10.19 4.27
N LEU A 43 21.04 -9.84 5.51
CA LEU A 43 20.48 -10.74 6.48
C LEU A 43 19.06 -10.42 6.87
N ALA A 44 18.23 -11.47 6.84
CA ALA A 44 16.87 -11.39 7.35
C ALA A 44 16.89 -11.32 8.90
N SER A 45 17.86 -12.00 9.51
CA SER A 45 18.12 -11.96 10.96
C SER A 45 19.60 -11.88 11.19
N LYS A 46 20.05 -10.83 11.86
CA LYS A 46 21.46 -10.68 12.20
C LYS A 46 21.87 -11.74 13.24
N GLU A 47 20.97 -12.05 14.17
CA GLU A 47 21.30 -12.95 15.29
C GLU A 47 21.55 -14.40 14.87
N ASP A 48 20.76 -14.93 13.92
CA ASP A 48 20.97 -16.30 13.50
C ASP A 48 21.60 -16.43 12.10
N GLY A 49 21.90 -15.30 11.46
CA GLY A 49 22.56 -15.28 10.15
C GLY A 49 21.72 -15.71 8.97
N ARG A 50 20.41 -15.77 9.13
CA ARG A 50 19.53 -16.15 8.02
C ARG A 50 19.62 -15.07 6.94
N ARG A 51 19.93 -15.47 5.70
CA ARG A 51 20.03 -14.56 4.58
C ARG A 51 18.68 -14.22 3.95
N VAL A 52 18.59 -13.00 3.44
CA VAL A 52 17.43 -12.59 2.64
C VAL A 52 17.47 -13.37 1.34
N THR A 53 16.29 -13.79 0.90
CA THR A 53 16.06 -14.39 -0.42
C THR A 53 14.78 -13.75 -0.97
N PRO A 54 14.39 -14.07 -2.20
CA PRO A 54 13.11 -13.54 -2.74
C PRO A 54 11.87 -14.10 -2.05
N GLU A 55 12.06 -15.13 -1.20
CA GLU A 55 10.98 -15.76 -0.41
C GLU A 55 10.93 -15.25 1.02
N THR A 56 11.91 -14.45 1.47
CA THR A 56 11.84 -13.87 2.81
C THR A 56 10.58 -13.02 2.93
N LEU A 57 9.89 -13.15 4.08
CA LEU A 57 8.72 -12.31 4.36
C LEU A 57 9.15 -11.04 5.09
N PHE A 58 8.67 -9.92 4.58
CA PHE A 58 8.87 -8.61 5.19
C PHE A 58 7.51 -8.00 5.50
N GLU A 59 7.45 -7.14 6.52
CA GLU A 59 6.27 -6.28 6.71
C GLU A 59 6.35 -5.19 5.64
N ILE A 60 5.24 -4.97 4.98
CA ILE A 60 5.18 -3.91 3.95
C ILE A 60 4.41 -2.68 4.39
N GLY A 61 3.94 -2.67 5.63
CA GLY A 61 3.27 -1.48 6.16
C GLY A 61 2.18 -1.00 5.23
N SER A 62 2.14 0.31 4.99
CA SER A 62 1.08 0.94 4.19
C SER A 62 1.01 0.52 2.72
N VAL A 63 1.97 -0.29 2.20
CA VAL A 63 1.72 -0.85 0.88
C VAL A 63 0.44 -1.73 0.98
N SER A 64 0.11 -2.20 2.20
CA SER A 64 -1.13 -2.95 2.47
C SER A 64 -2.36 -2.18 1.98
N LYS A 65 -2.30 -0.84 1.98
CA LYS A 65 -3.42 -0.01 1.53
C LYS A 65 -3.81 -0.30 0.07
N THR A 66 -2.85 -0.75 -0.74
CA THR A 66 -3.18 -1.08 -2.16
C THR A 66 -3.93 -2.40 -2.23
N PHE A 67 -3.69 -3.32 -1.28
CA PHE A 67 -4.48 -4.56 -1.17
C PHE A 67 -5.86 -4.21 -0.66
N THR A 68 -5.97 -3.34 0.37
CA THR A 68 -7.27 -2.89 0.86
C THR A 68 -8.10 -2.28 -0.28
N ALA A 69 -7.45 -1.45 -1.11
CA ALA A 69 -8.11 -0.81 -2.25
C ALA A 69 -8.60 -1.86 -3.25
N THR A 70 -7.82 -2.94 -3.47
CA THR A 70 -8.18 -4.00 -4.41
C THR A 70 -9.43 -4.74 -3.91
N LEU A 71 -9.49 -5.02 -2.59
CA LEU A 71 -10.71 -5.63 -2.04
CA LEU A 71 -10.71 -5.62 -2.03
C LEU A 71 -11.91 -4.70 -2.26
N ALA A 72 -11.75 -3.41 -2.02
CA ALA A 72 -12.83 -2.49 -2.27
C ALA A 72 -13.21 -2.45 -3.75
N GLY A 73 -12.22 -2.56 -4.63
CA GLY A 73 -12.49 -2.64 -6.07
C GLY A 73 -13.35 -3.86 -6.42
N TYR A 74 -13.15 -4.96 -5.72
CA TYR A 74 -13.95 -6.16 -5.95
C TYR A 74 -15.40 -5.91 -5.48
N ALA A 75 -15.56 -5.30 -4.30
CA ALA A 75 -16.92 -4.98 -3.79
C ALA A 75 -17.64 -4.04 -4.76
N LEU A 76 -16.91 -3.08 -5.33
CA LEU A 76 -17.48 -2.15 -6.31
C LEU A 76 -17.94 -2.90 -7.58
N THR A 77 -17.08 -3.81 -8.11
CA THR A 77 -17.43 -4.55 -9.34
CA THR A 77 -17.42 -4.55 -9.33
C THR A 77 -18.65 -5.41 -9.16
N GLN A 78 -18.85 -5.94 -7.93
CA GLN A 78 -20.01 -6.76 -7.63
CA GLN A 78 -19.97 -6.77 -7.51
C GLN A 78 -21.23 -5.93 -7.23
N ASP A 79 -21.12 -4.58 -7.28
CA ASP A 79 -22.26 -3.68 -6.98
C ASP A 79 -22.74 -3.77 -5.55
N LYS A 80 -21.84 -4.14 -4.63
CA LYS A 80 -22.19 -4.23 -3.21
C LYS A 80 -22.03 -2.88 -2.51
N MET A 81 -21.27 -1.98 -3.15
CA MET A 81 -21.08 -0.63 -2.66
C MET A 81 -20.80 0.24 -3.84
N ARG A 82 -20.88 1.55 -3.63
CA ARG A 82 -20.49 2.57 -4.59
C ARG A 82 -19.62 3.57 -3.87
N LEU A 83 -18.68 4.19 -4.57
CA LEU A 83 -17.81 5.17 -3.93
C LEU A 83 -18.58 6.37 -3.42
N ASP A 84 -19.74 6.67 -4.00
CA ASP A 84 -20.56 7.79 -3.55
CA ASP A 84 -20.57 7.79 -3.55
C ASP A 84 -21.49 7.42 -2.38
N ASP A 85 -21.48 6.16 -1.93
CA ASP A 85 -22.28 5.81 -0.77
C ASP A 85 -21.88 6.63 0.44
N ARG A 86 -22.84 6.96 1.31
CA ARG A 86 -22.51 7.51 2.62
C ARG A 86 -21.89 6.33 3.39
N ALA A 87 -20.83 6.62 4.14
CA ALA A 87 -20.14 5.57 4.86
C ALA A 87 -21.08 4.80 5.79
N SER A 88 -21.97 5.52 6.50
CA SER A 88 -22.84 4.83 7.44
C SER A 88 -23.85 3.90 6.80
N GLN A 89 -23.99 3.92 5.46
CA GLN A 89 -24.89 2.96 4.81
C GLN A 89 -24.51 1.53 5.22
N HIS A 90 -23.20 1.27 5.34
CA HIS A 90 -22.68 -0.07 5.52
C HIS A 90 -22.44 -0.49 6.97
N TRP A 91 -22.84 0.33 7.95
CA TRP A 91 -22.62 -0.06 9.35
C TRP A 91 -23.65 0.66 10.20
N PRO A 92 -24.72 -0.05 10.61
CA PRO A 92 -25.79 0.65 11.37
C PRO A 92 -25.32 1.35 12.63
N ALA A 93 -24.24 0.89 13.27
CA ALA A 93 -23.68 1.56 14.46
C ALA A 93 -23.33 3.01 14.15
N LEU A 94 -23.06 3.34 12.87
CA LEU A 94 -22.70 4.69 12.47
C LEU A 94 -23.90 5.54 12.06
N GLN A 95 -25.12 4.94 12.03
CA GLN A 95 -26.29 5.73 11.65
C GLN A 95 -26.47 6.92 12.60
N GLY A 96 -26.63 8.11 12.04
CA GLY A 96 -26.82 9.33 12.83
C GLY A 96 -25.52 9.99 13.20
N SER A 97 -24.38 9.32 12.99
CA SER A 97 -23.07 9.94 13.27
C SER A 97 -22.73 10.86 12.09
N ARG A 98 -21.54 11.50 12.17
CA ARG A 98 -21.08 12.36 11.08
CA ARG A 98 -21.08 12.37 11.08
C ARG A 98 -20.78 11.56 9.81
N PHE A 99 -20.71 10.22 9.91
CA PHE A 99 -20.49 9.38 8.74
C PHE A 99 -21.72 9.27 7.85
N ASP A 100 -22.86 9.86 8.30
CA ASP A 100 -24.03 10.00 7.43
C ASP A 100 -23.70 10.98 6.31
N GLY A 101 -22.71 11.85 6.49
CA GLY A 101 -22.40 12.88 5.48
C GLY A 101 -21.03 12.77 4.84
N ILE A 102 -20.42 11.60 4.92
CA ILE A 102 -19.05 11.35 4.43
C ILE A 102 -19.14 10.19 3.45
N SER A 103 -18.54 10.32 2.29
CA SER A 103 -18.58 9.24 1.32
C SER A 103 -17.49 8.19 1.52
N LEU A 104 -17.71 7.00 0.93
CA LEU A 104 -16.63 6.01 0.92
C LEU A 104 -15.40 6.54 0.17
N LEU A 105 -15.61 7.32 -0.91
CA LEU A 105 -14.48 7.88 -1.64
C LEU A 105 -13.65 8.78 -0.73
N ASP A 106 -14.32 9.60 0.09
CA ASP A 106 -13.61 10.49 1.04
C ASP A 106 -12.75 9.67 1.99
N LEU A 107 -13.30 8.54 2.52
CA LEU A 107 -12.52 7.71 3.43
C LEU A 107 -11.31 7.13 2.70
N ALA A 108 -11.53 6.59 1.50
CA ALA A 108 -10.46 5.94 0.77
C ALA A 108 -9.31 6.86 0.46
N THR A 109 -9.61 8.13 0.19
CA THR A 109 -8.63 9.09 -0.30
C THR A 109 -8.26 10.14 0.75
N TYR A 110 -8.55 9.85 2.02
CA TYR A 110 -8.07 10.65 3.15
C TYR A 110 -8.65 12.07 3.20
N THR A 111 -9.84 12.25 2.64
CA THR A 111 -10.46 13.58 2.60
C THR A 111 -11.76 13.66 3.40
N ALA A 112 -11.95 12.81 4.40
CA ALA A 112 -13.18 12.82 5.18
C ALA A 112 -13.33 14.02 6.10
N GLY A 113 -12.27 14.78 6.33
CA GLY A 113 -12.36 15.97 7.17
C GLY A 113 -11.48 15.97 8.37
N GLY A 114 -10.30 15.37 8.27
CA GLY A 114 -9.35 15.42 9.36
C GLY A 114 -9.26 14.20 10.26
N LEU A 115 -9.69 13.02 9.78
CA LEU A 115 -9.39 11.78 10.52
C LEU A 115 -7.86 11.71 10.67
N PRO A 116 -7.36 11.41 11.88
CA PRO A 116 -5.91 11.57 12.15
C PRO A 116 -5.05 10.49 11.51
N LEU A 117 -3.74 10.72 11.51
CA LEU A 117 -2.77 9.76 10.97
C LEU A 117 -2.99 8.36 11.56
N GLN A 118 -3.08 8.29 12.89
CA GLN A 118 -3.28 7.05 13.63
C GLN A 118 -4.50 7.17 14.52
N PHE A 119 -5.07 6.02 14.90
CA PHE A 119 -6.07 6.04 15.95
C PHE A 119 -5.36 6.59 17.19
N PRO A 120 -6.09 7.31 18.03
CA PRO A 120 -5.50 7.74 19.31
C PRO A 120 -5.07 6.51 20.11
N ASP A 121 -4.06 6.69 20.96
CA ASP A 121 -3.56 5.62 21.80
C ASP A 121 -4.64 4.98 22.69
N SER A 122 -5.68 5.75 23.00
CA SER A 122 -6.85 5.33 23.79
C SER A 122 -7.76 4.32 23.08
N VAL A 123 -7.61 4.14 21.77
CA VAL A 123 -8.45 3.19 21.03
C VAL A 123 -7.61 1.95 20.80
N GLN A 124 -7.96 0.87 21.51
CA GLN A 124 -7.27 -0.40 21.38
C GLN A 124 -7.87 -1.24 20.24
N LYS A 125 -7.23 -2.38 19.92
CA LYS A 125 -7.76 -3.27 18.89
C LYS A 125 -8.92 -4.04 19.50
N ASP A 126 -10.10 -3.43 19.44
CA ASP A 126 -11.30 -3.96 20.08
C ASP A 126 -12.46 -3.42 19.29
N GLN A 127 -13.38 -4.30 18.88
CA GLN A 127 -14.47 -3.88 18.02
C GLN A 127 -15.31 -2.75 18.63
N ALA A 128 -15.66 -2.85 19.91
CA ALA A 128 -16.49 -1.82 20.53
C ALA A 128 -15.77 -0.48 20.62
N GLN A 129 -14.47 -0.52 20.96
CA GLN A 129 -13.73 0.75 21.06
C GLN A 129 -13.62 1.44 19.68
N ILE A 130 -13.39 0.65 18.64
CA ILE A 130 -13.31 1.21 17.28
C ILE A 130 -14.67 1.81 16.87
N ARG A 131 -15.75 1.06 17.11
CA ARG A 131 -17.10 1.50 16.84
C ARG A 131 -17.35 2.84 17.52
N ASP A 132 -17.05 2.91 18.83
CA ASP A 132 -17.33 4.10 19.59
C ASP A 132 -16.48 5.30 19.18
N TYR A 133 -15.26 5.05 18.72
CA TYR A 133 -14.40 6.12 18.22
C TYR A 133 -15.09 6.78 17.02
N TYR A 134 -15.52 5.96 16.05
CA TYR A 134 -16.15 6.55 14.86
C TYR A 134 -17.49 7.22 15.17
N ARG A 135 -18.26 6.62 16.08
CA ARG A 135 -19.56 7.20 16.42
C ARG A 135 -19.42 8.62 16.93
N GLN A 136 -18.35 8.90 17.69
CA GLN A 136 -18.19 10.22 18.30
C GLN A 136 -17.35 11.22 17.49
N TRP A 137 -16.69 10.77 16.43
CA TRP A 137 -15.78 11.65 15.67
C TRP A 137 -16.49 12.75 14.91
N GLN A 138 -15.91 13.95 14.96
CA GLN A 138 -16.46 15.09 14.22
C GLN A 138 -15.38 15.70 13.35
N PRO A 139 -15.71 16.02 12.08
CA PRO A 139 -14.71 16.63 11.19
C PRO A 139 -14.20 17.99 11.66
N THR A 140 -12.94 18.25 11.33
CA THR A 140 -12.30 19.55 11.56
C THR A 140 -12.62 20.50 10.38
N TYR A 141 -12.90 19.94 9.20
CA TYR A 141 -13.24 20.72 8.01
C TYR A 141 -14.10 19.88 7.10
N ALA A 142 -14.66 20.55 6.10
CA ALA A 142 -15.59 19.92 5.17
C ALA A 142 -15.01 18.71 4.50
N PRO A 143 -15.81 17.65 4.38
CA PRO A 143 -15.34 16.47 3.66
C PRO A 143 -15.11 16.84 2.21
N GLY A 144 -14.13 16.20 1.63
CA GLY A 144 -13.74 16.36 0.23
C GLY A 144 -12.81 17.52 -0.07
N SER A 145 -12.38 18.27 0.96
CA SER A 145 -11.59 19.48 0.77
C SER A 145 -10.08 19.36 1.06
N GLN A 146 -9.71 18.60 2.07
CA GLN A 146 -8.33 18.51 2.46
C GLN A 146 -7.90 17.08 2.64
N ARG A 147 -6.72 16.76 2.17
CA ARG A 147 -6.13 15.43 2.33
C ARG A 147 -5.30 15.42 3.59
N LEU A 148 -5.57 14.47 4.49
CA LEU A 148 -4.75 14.24 5.66
C LEU A 148 -4.53 12.74 5.72
N TYR A 149 -3.34 12.28 5.32
CA TYR A 149 -3.03 10.84 5.28
C TYR A 149 -3.43 10.19 6.62
N SER A 150 -4.20 9.07 6.53
CA SER A 150 -4.85 8.55 7.72
C SER A 150 -5.15 7.07 7.68
N ASN A 151 -4.67 6.35 8.69
CA ASN A 151 -4.98 4.95 8.92
C ASN A 151 -6.46 4.76 9.31
N PRO A 152 -7.02 5.51 10.28
CA PRO A 152 -8.46 5.33 10.54
C PRO A 152 -9.33 5.62 9.30
N SER A 153 -8.90 6.49 8.39
CA SER A 153 -9.71 6.82 7.22
C SER A 153 -9.79 5.63 6.24
N ILE A 154 -8.66 5.23 5.65
CA ILE A 154 -8.71 4.12 4.71
C ILE A 154 -9.00 2.79 5.45
N GLY A 155 -8.66 2.72 6.73
CA GLY A 155 -9.05 1.58 7.54
C GLY A 155 -10.57 1.39 7.56
N LEU A 156 -11.31 2.48 7.82
CA LEU A 156 -12.76 2.37 7.80
C LEU A 156 -13.27 2.04 6.41
N PHE A 157 -12.63 2.61 5.37
CA PHE A 157 -13.00 2.26 4.01
C PHE A 157 -12.91 0.72 3.79
N GLY A 158 -11.80 0.12 4.18
CA GLY A 158 -11.65 -1.33 4.01
C GLY A 158 -12.64 -2.11 4.85
N TYR A 159 -12.83 -1.65 6.08
CA TYR A 159 -13.76 -2.33 7.01
C TYR A 159 -15.19 -2.33 6.46
N LEU A 160 -15.62 -1.19 5.90
CA LEU A 160 -16.94 -1.05 5.31
C LEU A 160 -17.08 -1.81 4.01
N ALA A 161 -15.98 -1.85 3.20
CA ALA A 161 -16.01 -2.65 1.96
C ALA A 161 -16.25 -4.12 2.33
N ALA A 162 -15.56 -4.61 3.36
CA ALA A 162 -15.76 -5.97 3.84
C ALA A 162 -17.20 -6.18 4.32
N ARG A 163 -17.75 -5.22 5.08
CA ARG A 163 -19.16 -5.34 5.51
C ARG A 163 -20.09 -5.37 4.32
N SER A 164 -19.78 -4.65 3.23
CA SER A 164 -20.66 -4.67 2.05
C SER A 164 -20.71 -6.07 1.42
N LEU A 165 -19.63 -6.82 1.60
CA LEU A 165 -19.51 -8.19 1.14
C LEU A 165 -19.97 -9.22 2.20
N GLY A 166 -20.42 -8.75 3.36
CA GLY A 166 -20.98 -9.59 4.41
C GLY A 166 -19.98 -10.48 5.12
N GLN A 167 -18.65 -10.17 5.06
CA GLN A 167 -17.66 -11.04 5.73
C GLN A 167 -16.57 -10.21 6.39
N PRO A 168 -15.84 -10.72 7.40
CA PRO A 168 -14.74 -9.93 7.97
C PRO A 168 -13.64 -9.66 6.94
N PHE A 169 -13.00 -8.52 7.07
CA PHE A 169 -11.95 -8.07 6.17
C PHE A 169 -10.84 -9.11 6.00
N GLU A 170 -10.30 -9.58 7.14
CA GLU A 170 -9.17 -10.51 7.11
C GLU A 170 -9.51 -11.81 6.40
N ARG A 171 -10.74 -12.29 6.65
CA ARG A 171 -11.17 -13.52 6.01
CA ARG A 171 -11.23 -13.51 6.03
C ARG A 171 -11.31 -13.34 4.50
N LEU A 172 -11.90 -12.22 4.08
CA LEU A 172 -12.02 -11.97 2.64
C LEU A 172 -10.66 -11.90 1.95
N MET A 173 -9.70 -11.27 2.61
CA MET A 173 -8.35 -11.18 2.05
CA MET A 173 -8.36 -11.11 2.06
C MET A 173 -7.72 -12.54 1.89
N GLU A 174 -7.80 -13.37 2.93
CA GLU A 174 -7.18 -14.69 2.86
C GLU A 174 -7.87 -15.65 1.96
N GLN A 175 -9.19 -15.68 2.02
CA GLN A 175 -9.97 -16.68 1.32
CA GLN A 175 -9.95 -16.68 1.30
C GLN A 175 -10.25 -16.32 -0.12
N GLN A 176 -10.34 -15.00 -0.43
CA GLN A 176 -10.70 -14.60 -1.77
C GLN A 176 -9.66 -13.75 -2.50
N VAL A 177 -9.15 -12.69 -1.88
CA VAL A 177 -8.28 -11.78 -2.62
C VAL A 177 -6.92 -12.37 -2.92
N PHE A 178 -6.22 -12.84 -1.89
CA PHE A 178 -4.90 -13.39 -2.15
C PHE A 178 -4.95 -14.57 -3.13
N PRO A 179 -5.91 -15.52 -3.01
CA PRO A 179 -5.94 -16.61 -4.00
C PRO A 179 -6.24 -16.09 -5.42
N ALA A 180 -7.15 -15.12 -5.58
CA ALA A 180 -7.48 -14.60 -6.90
C ALA A 180 -6.28 -13.95 -7.57
N LEU A 181 -5.37 -13.39 -6.75
CA LEU A 181 -4.16 -12.73 -7.25
C LEU A 181 -2.96 -13.73 -7.40
N GLY A 182 -3.17 -14.99 -7.03
CA GLY A 182 -2.13 -16.02 -7.12
C GLY A 182 -1.02 -15.86 -6.10
N LEU A 183 -1.38 -15.36 -4.92
CA LEU A 183 -0.44 -15.04 -3.85
C LEU A 183 -0.55 -16.03 -2.73
N GLU A 184 0.43 -16.93 -2.65
CA GLU A 184 0.50 -17.97 -1.61
C GLU A 184 1.54 -17.64 -0.51
N GLN A 185 2.31 -16.57 -0.67
CA GLN A 185 3.34 -16.15 0.30
C GLN A 185 3.01 -14.74 0.80
N THR A 186 1.72 -14.44 0.92
CA THR A 186 1.21 -13.12 1.35
C THR A 186 0.23 -13.33 2.47
N HIS A 187 0.45 -12.69 3.60
CA HIS A 187 -0.27 -13.00 4.81
C HIS A 187 -0.65 -11.80 5.61
N LEU A 188 -1.80 -11.86 6.27
CA LEU A 188 -2.15 -10.91 7.33
C LEU A 188 -1.67 -11.49 8.68
N ASP A 189 -1.73 -12.82 8.81
CA ASP A 189 -1.36 -13.54 10.02
C ASP A 189 -0.45 -14.68 9.56
N VAL A 190 0.86 -14.52 9.75
CA VAL A 190 1.81 -15.47 9.20
C VAL A 190 1.61 -16.86 9.81
N PRO A 191 1.41 -17.91 9.01
CA PRO A 191 1.30 -19.26 9.59
C PRO A 191 2.57 -19.65 10.34
N GLU A 192 2.41 -20.47 11.38
CA GLU A 192 3.54 -20.98 12.13
C GLU A 192 4.55 -21.67 11.20
N ALA A 193 4.06 -22.36 10.16
CA ALA A 193 4.90 -23.10 9.22
C ALA A 193 5.73 -22.16 8.33
N ALA A 194 5.33 -20.87 8.22
CA ALA A 194 6.06 -19.88 7.42
C ALA A 194 6.90 -18.97 8.28
N LEU A 195 6.89 -19.12 9.61
CA LEU A 195 7.64 -18.21 10.49
C LEU A 195 9.12 -18.18 10.23
N ALA A 196 9.69 -19.29 9.80
CA ALA A 196 11.13 -19.31 9.48
C ALA A 196 11.51 -18.31 8.37
N GLN A 197 10.54 -17.93 7.52
CA GLN A 197 10.80 -16.95 6.46
C GLN A 197 10.62 -15.52 6.94
N TYR A 198 10.01 -15.29 8.10
CA TYR A 198 9.68 -13.93 8.55
C TYR A 198 10.94 -13.24 9.04
N ALA A 199 11.40 -12.23 8.27
CA ALA A 199 12.58 -11.46 8.68
C ALA A 199 12.34 -10.78 10.05
N GLN A 200 13.44 -10.52 10.72
CA GLN A 200 13.41 -9.67 11.92
C GLN A 200 13.43 -8.21 11.45
N GLY A 201 12.72 -7.34 12.15
CA GLY A 201 12.78 -5.90 11.91
C GLY A 201 13.74 -5.27 12.91
N TYR A 202 14.37 -4.15 12.55
CA TYR A 202 15.37 -3.53 13.39
C TYR A 202 15.11 -2.08 13.56
N GLY A 203 15.17 -1.63 14.82
CA GLY A 203 15.11 -0.22 15.22
C GLY A 203 16.39 0.28 15.87
N LYS A 204 16.26 1.19 16.85
CA LYS A 204 17.37 1.82 17.60
C LYS A 204 18.16 0.77 18.38
N ASP A 205 19.51 0.80 18.27
CA ASP A 205 20.46 -0.17 18.87
C ASP A 205 20.08 -1.59 18.48
N ASP A 206 19.56 -1.75 17.24
CA ASP A 206 19.07 -2.98 16.66
C ASP A 206 17.98 -3.60 17.53
N ARG A 207 17.13 -2.78 18.16
CA ARG A 207 16.00 -3.37 18.90
C ARG A 207 15.14 -4.19 17.90
N PRO A 208 14.73 -5.42 18.25
CA PRO A 208 13.93 -6.23 17.30
C PRO A 208 12.51 -5.76 17.33
N LEU A 209 11.92 -5.59 16.13
CA LEU A 209 10.60 -5.04 15.98
C LEU A 209 9.79 -5.72 14.91
N ARG A 210 8.77 -6.47 15.35
CA ARG A 210 7.76 -7.04 14.47
C ARG A 210 6.46 -6.39 14.90
N VAL A 211 5.63 -6.04 13.92
CA VAL A 211 4.42 -5.27 14.18
C VAL A 211 3.46 -5.97 15.16
N GLY A 212 2.97 -5.21 16.12
CA GLY A 212 2.03 -5.67 17.13
C GLY A 212 0.61 -5.33 16.74
N PRO A 213 -0.37 -5.86 17.49
CA PRO A 213 -1.77 -5.57 17.18
C PRO A 213 -2.19 -4.12 17.36
N GLY A 214 -3.05 -3.66 16.47
CA GLY A 214 -3.65 -2.34 16.59
C GLY A 214 -4.99 -2.29 15.91
N PRO A 215 -5.81 -1.28 16.24
CA PRO A 215 -7.13 -1.16 15.61
C PRO A 215 -7.02 -0.98 14.09
N LEU A 216 -7.78 -1.78 13.35
CA LEU A 216 -7.78 -1.80 11.88
C LEU A 216 -6.36 -1.91 11.28
N ASP A 217 -5.51 -2.65 11.99
CA ASP A 217 -4.16 -2.91 11.48
C ASP A 217 -4.14 -3.66 10.14
N ALA A 218 -5.03 -4.64 9.95
CA ALA A 218 -5.01 -5.40 8.72
C ALA A 218 -5.25 -4.50 7.51
N GLU A 219 -6.26 -3.63 7.63
CA GLU A 219 -6.67 -2.73 6.55
C GLU A 219 -5.60 -1.67 6.27
N GLY A 220 -4.92 -1.20 7.31
CA GLY A 220 -3.98 -0.10 7.11
C GLY A 220 -2.56 -0.48 6.82
N TYR A 221 -2.05 -1.53 7.47
CA TYR A 221 -0.60 -1.76 7.41
C TYR A 221 -0.18 -3.17 7.76
N GLY A 222 -1.05 -4.14 7.67
CA GLY A 222 -0.77 -5.45 8.24
C GLY A 222 -0.23 -6.55 7.34
N VAL A 223 0.00 -6.33 6.06
CA VAL A 223 0.46 -7.43 5.21
C VAL A 223 1.94 -7.73 5.40
N LYS A 224 2.24 -9.03 5.38
CA LYS A 224 3.63 -9.53 5.31
C LYS A 224 3.72 -10.32 4.02
N THR A 225 4.74 -10.07 3.21
CA THR A 225 4.87 -10.79 1.94
C THR A 225 6.33 -10.86 1.55
N SER A 226 6.60 -11.65 0.54
CA SER A 226 7.93 -11.78 -0.01
C SER A 226 8.13 -10.84 -1.21
N ALA A 227 9.39 -10.60 -1.61
CA ALA A 227 9.61 -9.78 -2.79
C ALA A 227 9.02 -10.48 -4.03
N ALA A 228 9.11 -11.80 -4.10
CA ALA A 228 8.57 -12.51 -5.26
C ALA A 228 7.04 -12.39 -5.31
N ASP A 229 6.36 -12.56 -4.16
CA ASP A 229 4.91 -12.37 -4.21
C ASP A 229 4.52 -10.94 -4.48
N LEU A 230 5.20 -9.98 -3.89
CA LEU A 230 4.82 -8.60 -4.15
C LEU A 230 5.05 -8.22 -5.62
N LEU A 231 6.07 -8.82 -6.24
CA LEU A 231 6.26 -8.58 -7.68
C LEU A 231 5.11 -9.24 -8.48
N ARG A 232 4.60 -10.41 -8.02
CA ARG A 232 3.43 -11.00 -8.68
C ARG A 232 2.24 -10.03 -8.61
N PHE A 233 2.08 -9.34 -7.48
CA PHE A 233 1.02 -8.34 -7.33
C PHE A 233 1.27 -7.15 -8.27
N VAL A 234 2.52 -6.70 -8.38
CA VAL A 234 2.83 -5.63 -9.35
C VAL A 234 2.50 -6.08 -10.78
N ASP A 235 2.86 -7.31 -11.14
CA ASP A 235 2.57 -7.81 -12.48
C ASP A 235 1.07 -7.92 -12.74
N ALA A 236 0.28 -8.24 -11.71
CA ALA A 236 -1.18 -8.22 -11.85
C ALA A 236 -1.65 -6.79 -12.12
N ASN A 237 -1.07 -5.80 -11.42
CA ASN A 237 -1.39 -4.40 -11.69
C ASN A 237 -0.96 -3.93 -13.07
N LEU A 238 0.16 -4.44 -13.59
CA LEU A 238 0.61 -4.09 -14.95
C LEU A 238 -0.27 -4.71 -16.02
N HIS A 239 -0.86 -5.88 -15.72
CA HIS A 239 -1.68 -6.61 -16.69
C HIS A 239 -2.96 -7.16 -16.05
N PRO A 240 -3.89 -6.29 -15.67
CA PRO A 240 -5.12 -6.80 -15.02
C PRO A 240 -5.92 -7.70 -15.92
N GLU A 241 -5.80 -7.50 -17.24
CA GLU A 241 -6.51 -8.31 -18.26
C GLU A 241 -6.17 -9.79 -18.21
N ARG A 242 -5.06 -10.17 -17.57
CA ARG A 242 -4.70 -11.58 -17.45
C ARG A 242 -5.47 -12.31 -16.36
N LEU A 243 -6.14 -11.57 -15.48
CA LEU A 243 -6.91 -12.20 -14.41
C LEU A 243 -8.32 -12.43 -14.85
N ASP A 244 -9.06 -13.26 -14.08
CA ASP A 244 -10.48 -13.45 -14.31
C ASP A 244 -11.18 -12.07 -14.20
N ARG A 245 -12.18 -11.81 -15.03
CA ARG A 245 -12.75 -10.48 -15.28
C ARG A 245 -13.11 -9.68 -14.02
N PRO A 246 -13.78 -10.24 -13.00
CA PRO A 246 -14.12 -9.42 -11.83
C PRO A 246 -12.87 -8.92 -11.11
N TRP A 247 -11.79 -9.72 -11.12
CA TRP A 247 -10.54 -9.31 -10.48
C TRP A 247 -9.76 -8.32 -11.33
N ALA A 248 -9.85 -8.44 -12.67
CA ALA A 248 -9.29 -7.43 -13.57
C ALA A 248 -9.93 -6.07 -13.25
N GLN A 249 -11.27 -6.03 -13.10
CA GLN A 249 -11.95 -4.78 -12.82
CA GLN A 249 -12.00 -4.81 -12.79
C GLN A 249 -11.65 -4.29 -11.42
N ALA A 250 -11.45 -5.19 -10.46
CA ALA A 250 -11.06 -4.77 -9.10
C ALA A 250 -9.71 -4.03 -9.14
N LEU A 251 -8.74 -4.56 -9.89
CA LEU A 251 -7.43 -3.89 -10.04
C LEU A 251 -7.57 -2.57 -10.79
N ASP A 252 -8.36 -2.58 -11.86
CA ASP A 252 -8.55 -1.34 -12.61
CA ASP A 252 -8.56 -1.34 -12.60
C ASP A 252 -9.12 -0.21 -11.75
N ALA A 253 -9.95 -0.54 -10.76
CA ALA A 253 -10.54 0.46 -9.87
C ALA A 253 -9.46 1.19 -9.05
N THR A 254 -8.29 0.56 -8.87
CA THR A 254 -7.18 1.16 -8.13
C THR A 254 -6.29 2.02 -9.03
N HIS A 255 -6.64 2.13 -10.30
CA HIS A 255 -5.87 2.91 -11.28
C HIS A 255 -6.68 4.09 -11.80
N ARG A 256 -7.38 4.75 -10.90
CA ARG A 256 -8.24 5.90 -11.19
C ARG A 256 -7.88 7.03 -10.24
N GLY A 257 -7.52 8.18 -10.78
CA GLY A 257 -7.10 9.33 -9.96
C GLY A 257 -8.25 10.29 -9.74
N TYR A 258 -8.36 10.82 -8.50
CA TYR A 258 -9.47 11.67 -8.11
C TYR A 258 -9.11 13.11 -7.89
N TYR A 259 -7.90 13.41 -7.49
CA TYR A 259 -7.47 14.77 -7.24
C TYR A 259 -5.96 14.80 -7.25
N LYS A 260 -5.41 16.01 -7.26
CA LYS A 260 -3.97 16.21 -7.18
CA LYS A 260 -3.97 16.20 -7.18
C LYS A 260 -3.60 17.00 -5.95
N VAL A 261 -2.44 16.69 -5.40
CA VAL A 261 -1.77 17.47 -4.35
C VAL A 261 -0.35 17.61 -4.92
N GLY A 262 0.05 18.82 -5.31
CA GLY A 262 1.37 19.02 -5.92
C GLY A 262 1.50 18.14 -7.16
N ASP A 263 2.58 17.39 -7.25
CA ASP A 263 2.84 16.51 -8.39
C ASP A 263 2.13 15.17 -8.32
N MET A 264 1.46 14.89 -7.20
CA MET A 264 0.85 13.57 -6.96
C MET A 264 -0.64 13.54 -7.27
N THR A 265 -1.08 12.50 -7.99
CA THR A 265 -2.51 12.23 -8.24
C THR A 265 -2.90 11.05 -7.34
N GLN A 266 -3.94 11.24 -6.54
CA GLN A 266 -4.36 10.22 -5.59
C GLN A 266 -5.39 9.26 -6.20
N GLY A 267 -5.05 7.97 -6.17
CA GLY A 267 -5.99 6.90 -6.51
C GLY A 267 -6.45 6.19 -5.25
N LEU A 268 -7.06 5.02 -5.43
CA LEU A 268 -7.40 4.16 -4.29
C LEU A 268 -6.14 3.37 -3.97
N GLY A 269 -5.49 3.72 -2.88
CA GLY A 269 -4.23 3.10 -2.48
C GLY A 269 -3.03 3.70 -3.22
N TRP A 270 -2.97 3.48 -4.51
CA TRP A 270 -1.87 3.99 -5.32
C TRP A 270 -1.84 5.52 -5.42
N GLU A 271 -0.64 6.05 -5.48
CA GLU A 271 -0.34 7.48 -5.68
C GLU A 271 0.48 7.58 -6.97
N ALA A 272 0.11 8.50 -7.86
CA ALA A 272 0.72 8.55 -9.18
C ALA A 272 1.40 9.85 -9.50
N TYR A 273 2.41 9.78 -10.38
CA TYR A 273 3.16 10.93 -10.88
C TYR A 273 3.29 10.82 -12.38
N ASP A 274 3.49 11.97 -13.05
CA ASP A 274 3.90 11.96 -14.44
C ASP A 274 5.31 11.35 -14.50
N TRP A 275 5.61 10.67 -15.62
CA TRP A 275 6.90 10.01 -15.76
C TRP A 275 7.40 10.31 -17.17
N PRO A 276 8.56 10.95 -17.35
CA PRO A 276 9.57 11.27 -16.33
C PRO A 276 9.18 12.42 -15.43
N ILE A 277 9.81 12.43 -14.27
CA ILE A 277 9.75 13.55 -13.34
C ILE A 277 11.07 13.50 -12.58
N SER A 278 11.51 14.61 -12.03
CA SER A 278 12.79 14.60 -11.31
C SER A 278 12.75 13.75 -10.03
N LEU A 279 13.92 13.25 -9.62
CA LEU A 279 14.03 12.54 -8.37
C LEU A 279 13.61 13.42 -7.21
N LYS A 280 14.02 14.70 -7.18
CA LYS A 280 13.62 15.55 -6.07
C LYS A 280 12.12 15.68 -5.97
N ARG A 281 11.39 15.79 -7.08
CA ARG A 281 9.94 15.88 -7.01
C ARG A 281 9.30 14.58 -6.54
N LEU A 282 9.84 13.43 -6.97
CA LEU A 282 9.29 12.15 -6.51
C LEU A 282 9.55 11.99 -5.00
N GLN A 283 10.73 12.41 -4.54
CA GLN A 283 11.00 12.37 -3.12
C GLN A 283 10.06 13.32 -2.35
N ALA A 284 9.78 14.51 -2.89
CA ALA A 284 8.91 15.46 -2.21
C ALA A 284 7.47 14.95 -2.11
N GLY A 285 7.01 14.23 -3.14
CA GLY A 285 5.68 13.64 -3.08
C GLY A 285 5.56 12.55 -2.02
N ASN A 286 6.69 11.93 -1.67
CA ASN A 286 6.78 10.86 -0.70
C ASN A 286 7.43 11.35 0.60
N SER A 287 7.30 12.63 0.90
CA SER A 287 7.99 13.25 2.02
C SER A 287 7.18 13.23 3.30
N THR A 288 7.86 13.58 4.39
CA THR A 288 7.27 13.60 5.72
C THR A 288 6.10 14.59 5.75
N PRO A 289 6.17 15.82 5.19
CA PRO A 289 4.99 16.71 5.22
C PRO A 289 3.78 16.08 4.52
N MET A 290 4.00 15.24 3.49
CA MET A 290 2.87 14.59 2.82
C MET A 290 2.18 13.58 3.72
N ALA A 291 2.93 12.94 4.63
CA ALA A 291 2.35 11.97 5.53
C ALA A 291 1.74 12.65 6.74
N LEU A 292 2.23 13.86 7.12
CA LEU A 292 1.83 14.45 8.39
C LEU A 292 0.95 15.71 8.37
N GLN A 293 0.88 16.43 7.28
CA GLN A 293 0.17 17.70 7.23
C GLN A 293 -1.05 17.66 6.33
N PRO A 294 -2.11 18.45 6.61
CA PRO A 294 -3.23 18.51 5.67
C PRO A 294 -2.83 19.32 4.44
N HIS A 295 -3.38 18.96 3.29
CA HIS A 295 -3.13 19.68 2.06
C HIS A 295 -4.42 19.87 1.35
N ARG A 296 -4.70 21.09 0.88
CA ARG A 296 -5.89 21.34 0.09
C ARG A 296 -5.78 20.59 -1.24
N ILE A 297 -6.84 19.92 -1.65
CA ILE A 297 -6.80 19.12 -2.87
C ILE A 297 -7.23 19.95 -4.09
N ALA A 298 -6.84 19.51 -5.29
CA ALA A 298 -7.30 20.06 -6.57
C ALA A 298 -8.07 18.92 -7.24
N ARG A 299 -9.41 18.92 -7.09
CA ARG A 299 -10.24 17.84 -7.56
C ARG A 299 -10.31 17.79 -9.07
N LEU A 300 -10.26 16.60 -9.63
CA LEU A 300 -10.35 16.44 -11.07
C LEU A 300 -11.83 16.46 -11.51
N PRO A 301 -12.16 17.10 -12.65
CA PRO A 301 -13.56 17.14 -13.11
C PRO A 301 -14.22 15.78 -13.32
N ALA A 302 -13.40 14.77 -13.68
CA ALA A 302 -13.83 13.39 -13.86
C ALA A 302 -12.66 12.51 -13.44
N PRO A 303 -12.88 11.27 -12.95
CA PRO A 303 -11.73 10.43 -12.56
C PRO A 303 -10.83 10.15 -13.76
N GLN A 304 -9.52 10.21 -13.55
CA GLN A 304 -8.51 10.06 -14.57
C GLN A 304 -7.85 8.69 -14.56
N ALA A 305 -7.72 8.08 -15.73
CA ALA A 305 -7.00 6.80 -15.82
C ALA A 305 -5.50 6.96 -15.44
N LEU A 306 -5.02 6.15 -14.48
CA LEU A 306 -3.61 6.21 -14.03
C LEU A 306 -2.84 5.19 -14.84
N GLU A 307 -2.45 5.56 -16.04
CA GLU A 307 -1.79 4.67 -16.99
C GLU A 307 -0.86 5.45 -17.90
N GLY A 308 -0.26 4.77 -18.87
CA GLY A 308 0.60 5.47 -19.83
C GLY A 308 1.89 5.98 -19.19
N GLN A 309 2.20 7.27 -19.41
CA GLN A 309 3.44 7.94 -18.98
C GLN A 309 3.32 8.40 -17.54
N ARG A 310 3.22 7.40 -16.65
CA ARG A 310 3.05 7.65 -15.23
C ARG A 310 3.77 6.61 -14.45
N LEU A 311 4.14 7.02 -13.23
CA LEU A 311 4.69 6.11 -12.25
CA LEU A 311 4.71 6.14 -12.21
C LEU A 311 3.65 6.02 -11.12
N LEU A 312 3.21 4.79 -10.80
CA LEU A 312 2.30 4.54 -9.67
C LEU A 312 3.17 3.97 -8.55
N ASN A 313 2.97 4.42 -7.34
CA ASN A 313 3.84 3.97 -6.25
C ASN A 313 3.13 3.95 -4.93
N LYS A 314 3.79 3.32 -3.96
CA LYS A 314 3.35 3.40 -2.57
C LYS A 314 4.53 3.07 -1.67
N THR A 315 4.74 3.92 -0.67
CA THR A 315 5.65 3.63 0.43
C THR A 315 4.90 2.90 1.55
N GLY A 316 5.60 2.08 2.30
CA GLY A 316 5.02 1.47 3.50
C GLY A 316 6.08 1.22 4.54
N SER A 317 5.72 1.50 5.78
CA SER A 317 6.64 1.34 6.90
C SER A 317 5.95 0.80 8.10
N THR A 318 6.71 0.11 8.93
CA THR A 318 6.32 -0.25 10.30
C THR A 318 7.51 0.14 11.18
N ASN A 319 7.44 -0.10 12.50
CA ASN A 319 8.59 0.30 13.32
C ASN A 319 9.90 -0.32 12.86
N GLY A 320 9.84 -1.56 12.38
CA GLY A 320 11.04 -2.30 12.00
C GLY A 320 11.33 -2.45 10.52
N PHE A 321 10.47 -1.95 9.62
CA PHE A 321 10.55 -2.28 8.20
C PHE A 321 10.26 -1.09 7.31
N GLY A 322 10.82 -1.13 6.09
CA GLY A 322 10.66 -0.05 5.12
C GLY A 322 10.54 -0.65 3.75
N ALA A 323 9.40 -0.45 3.12
CA ALA A 323 9.03 -0.97 1.79
C ALA A 323 8.74 0.14 0.79
N TYR A 324 8.92 -0.18 -0.48
CA TYR A 324 8.53 0.72 -1.54
C TYR A 324 8.21 -0.09 -2.78
N VAL A 325 7.14 0.29 -3.47
CA VAL A 325 6.73 -0.38 -4.72
CA VAL A 325 6.77 -0.36 -4.72
C VAL A 325 6.45 0.72 -5.74
N ALA A 326 6.88 0.49 -6.98
CA ALA A 326 6.57 1.44 -8.05
C ALA A 326 6.45 0.70 -9.36
N PHE A 327 5.61 1.19 -10.27
CA PHE A 327 5.49 0.60 -11.59
C PHE A 327 5.09 1.65 -12.61
N VAL A 328 5.44 1.39 -13.85
CA VAL A 328 5.21 2.31 -14.98
C VAL A 328 4.33 1.58 -15.99
N PRO A 329 3.02 1.81 -15.94
CA PRO A 329 2.10 1.06 -16.81
C PRO A 329 2.48 1.05 -18.29
N GLY A 330 2.85 2.21 -18.82
CA GLY A 330 3.16 2.33 -20.24
C GLY A 330 4.47 1.76 -20.69
N ARG A 331 5.29 1.26 -19.74
CA ARG A 331 6.59 0.68 -20.07
C ARG A 331 6.69 -0.77 -19.61
N ASP A 332 5.64 -1.33 -19.00
CA ASP A 332 5.69 -2.73 -18.55
C ASP A 332 6.86 -2.94 -17.58
N LEU A 333 7.07 -1.98 -16.66
CA LEU A 333 8.18 -2.01 -15.71
C LEU A 333 7.62 -1.99 -14.31
N GLY A 334 8.13 -2.86 -13.46
CA GLY A 334 7.72 -2.94 -12.07
C GLY A 334 8.90 -3.12 -11.13
N LEU A 335 8.78 -2.61 -9.90
CA LEU A 335 9.85 -2.74 -8.96
C LEU A 335 9.33 -2.82 -7.53
N VAL A 336 9.97 -3.68 -6.75
CA VAL A 336 9.73 -3.85 -5.33
C VAL A 336 11.04 -3.75 -4.59
N ILE A 337 11.05 -3.01 -3.47
CA ILE A 337 12.23 -2.89 -2.61
C ILE A 337 11.77 -3.08 -1.18
N LEU A 338 12.16 -4.20 -0.56
CA LEU A 338 11.72 -4.50 0.82
C LEU A 338 12.92 -4.56 1.72
N ALA A 339 12.84 -3.88 2.87
CA ALA A 339 13.97 -3.86 3.82
C ALA A 339 13.47 -4.06 5.25
N ASN A 340 14.38 -4.55 6.10
CA ASN A 340 14.09 -4.80 7.51
C ASN A 340 14.69 -3.72 8.43
N ARG A 341 14.65 -2.48 7.95
CA ARG A 341 14.80 -1.30 8.76
C ARG A 341 13.88 -0.24 8.17
N ASN A 342 13.23 0.56 9.03
CA ASN A 342 12.45 1.68 8.58
C ASN A 342 13.43 2.83 8.29
N TYR A 343 13.90 2.90 7.06
CA TYR A 343 14.85 3.91 6.62
C TYR A 343 14.08 4.97 5.79
N PRO A 344 14.64 6.20 5.65
CA PRO A 344 13.83 7.28 5.07
C PRO A 344 13.23 7.02 3.71
N ASN A 345 12.00 7.46 3.50
CA ASN A 345 11.37 7.30 2.18
C ASN A 345 12.22 7.89 1.08
N ALA A 346 12.90 9.02 1.34
CA ALA A 346 13.74 9.65 0.30
C ALA A 346 14.80 8.70 -0.19
N GLU A 347 15.34 7.87 0.71
CA GLU A 347 16.37 6.90 0.37
C GLU A 347 15.81 5.74 -0.44
N ARG A 348 14.57 5.31 -0.12
CA ARG A 348 13.92 4.24 -0.89
C ARG A 348 13.72 4.70 -2.32
N VAL A 349 13.25 5.94 -2.45
CA VAL A 349 12.97 6.51 -3.76
C VAL A 349 14.26 6.69 -4.54
N LYS A 350 15.36 7.05 -3.84
CA LYS A 350 16.67 7.16 -4.47
C LYS A 350 17.09 5.85 -5.12
N ILE A 351 16.93 4.72 -4.43
CA ILE A 351 17.29 3.43 -5.03
C ILE A 351 16.39 3.20 -6.25
N ALA A 352 15.07 3.34 -6.05
CA ALA A 352 14.14 3.06 -7.12
C ALA A 352 14.37 3.88 -8.36
N TYR A 353 14.65 5.18 -8.18
CA TYR A 353 14.85 6.09 -9.30
C TYR A 353 16.09 5.67 -10.09
N ALA A 354 17.18 5.31 -9.41
CA ALA A 354 18.37 4.84 -10.13
C ALA A 354 18.06 3.60 -10.95
N ILE A 355 17.31 2.67 -10.39
CA ILE A 355 17.01 1.45 -11.13
C ILE A 355 16.09 1.76 -12.30
N LEU A 356 14.96 2.44 -12.03
CA LEU A 356 14.00 2.71 -13.11
C LEU A 356 14.60 3.52 -14.24
N SER A 357 15.45 4.49 -13.91
CA SER A 357 16.12 5.30 -14.93
C SER A 357 17.04 4.43 -15.80
N GLY A 358 17.75 3.47 -15.19
CA GLY A 358 18.66 2.56 -15.87
C GLY A 358 18.02 1.43 -16.64
N LEU A 359 16.78 1.05 -16.29
CA LEU A 359 16.03 0.01 -17.00
C LEU A 359 15.54 0.63 -18.31
N GLU A 360 15.16 1.94 -18.26
CA GLU A 360 14.67 2.74 -19.39
C GLU A 360 15.68 2.81 -20.55
#